data_5Y56
#
_entry.id   5Y56
#
_cell.length_a   65.130
_cell.length_b   65.130
_cell.length_c   477.521
_cell.angle_alpha   90.00
_cell.angle_beta   90.00
_cell.angle_gamma   120.00
#
_symmetry.space_group_name_H-M   'P 65 2 2'
#
loop_
_entity.id
_entity.type
_entity.pdbx_description
1 polymer 'Immunoglobulin gamma-1 heavy chain'
2 branched beta-D-galactopyranose-(1-4)-2-acetamido-2-deoxy-alpha-D-glucopyranose-(1-2)-alpha-D-mannopyranose-(1-6)-[2-acetamido-2-deoxy-beta-D-glucopyranose-(1-2)-beta-D-mannopyranose-(1-3)]beta-D-mannopyranose-(1-4)-2-acetamido-2-deoxy-beta-D-glucopyranose-(1-4)-[beta-L-fucopyranose-(1-6)]2-acetamido-2-deoxy-beta-D-glucopyranose
3 branched beta-D-galactopyranose-(1-4)-2-acetamido-2-deoxy-alpha-D-glucopyranose-(1-2)-alpha-D-mannopyranose-(1-6)-[beta-D-mannopyranose-(1-3)]beta-D-mannopyranose-(1-4)-2-acetamido-2-deoxy-beta-D-glucopyranose-(1-4)-2-acetamido-2-deoxy-beta-D-glucopyranose
4 water water
#
_entity_poly.entity_id   1
_entity_poly.type   'polypeptide(L)'
_entity_poly.pdbx_seq_one_letter_code
;GGPSVFLFPPKPKDTLMISRTPEVTCVVVDVSHEDPEVKFNWYVDGVEVHNAKTKPREEQYNSTYRVVSVLTVLHQDWLN
GKEYKCKVSNKALPAPIEKTISKAKGQPREPQVYTLPPSRDELTKNQVSLTCLVKGFYPSDIAVEWESNGQPENNYDTTP
PVLKSDGSFFLYSDLTVDKSRWQQGNVFSCSVMHEALHNHYTQKSLSL
;
_entity_poly.pdbx_strand_id   A,B
#
# COMPACT_ATOMS: atom_id res chain seq x y z
N GLY A 1 -17.05 -23.67 -12.07
CA GLY A 1 -17.02 -24.11 -13.45
C GLY A 1 -17.44 -23.00 -14.38
N GLY A 2 -16.46 -22.42 -15.08
CA GLY A 2 -16.68 -21.30 -15.98
C GLY A 2 -15.58 -20.25 -15.94
N PRO A 3 -15.13 -19.81 -17.12
CA PRO A 3 -14.09 -18.78 -17.18
C PRO A 3 -14.53 -17.47 -16.54
N SER A 4 -13.56 -16.74 -15.98
CA SER A 4 -13.79 -15.44 -15.36
C SER A 4 -12.81 -14.42 -15.94
N VAL A 5 -13.23 -13.16 -15.96
CA VAL A 5 -12.55 -12.09 -16.68
C VAL A 5 -12.18 -10.96 -15.73
N PHE A 6 -10.92 -10.52 -15.81
CA PHE A 6 -10.44 -9.36 -15.08
C PHE A 6 -9.70 -8.45 -16.05
N LEU A 7 -10.02 -7.17 -16.00
CA LEU A 7 -9.48 -6.16 -16.90
C LEU A 7 -8.69 -5.14 -16.08
N PHE A 8 -7.43 -4.89 -16.46
CA PHE A 8 -6.49 -4.08 -15.69
C PHE A 8 -6.04 -2.82 -16.43
N PRO A 9 -5.85 -1.71 -15.73
CA PRO A 9 -5.50 -0.44 -16.41
C PRO A 9 -4.04 -0.42 -16.81
N PRO A 10 -3.60 0.55 -17.62
CA PRO A 10 -2.17 0.72 -17.86
C PRO A 10 -1.45 1.17 -16.59
N LYS A 11 -0.09 1.08 -16.66
CA LYS A 11 0.59 1.62 -15.49
C LYS A 11 0.78 3.13 -15.62
N PRO A 12 0.65 3.82 -14.49
CA PRO A 12 0.68 5.30 -14.52
C PRO A 12 1.85 5.90 -15.29
N LYS A 13 3.07 5.43 -15.03
CA LYS A 13 4.24 5.96 -15.73
C LYS A 13 4.13 5.74 -17.24
N ASP A 14 3.57 4.59 -17.67
CA ASP A 14 3.35 4.33 -19.08
C ASP A 14 2.37 5.32 -19.71
N THR A 15 1.37 5.78 -18.95
CA THR A 15 0.39 6.72 -19.49
C THR A 15 0.93 8.12 -19.62
N LEU A 16 1.93 8.51 -18.84
CA LEU A 16 2.37 9.91 -18.81
C LEU A 16 3.61 10.21 -19.63
N MET A 17 4.27 9.20 -20.22
CA MET A 17 5.52 9.45 -20.96
C MET A 17 5.36 9.02 -22.41
N ILE A 18 5.56 9.95 -23.33
CA ILE A 18 5.41 9.68 -24.76
C ILE A 18 6.24 8.51 -25.27
N SER A 19 7.31 8.11 -24.56
CA SER A 19 8.22 7.08 -25.07
C SER A 19 7.82 5.68 -24.65
N ARG A 20 6.82 5.54 -23.79
CA ARG A 20 6.41 4.26 -23.26
C ARG A 20 5.04 3.86 -23.79
N THR A 21 4.77 2.56 -23.68
CA THR A 21 3.56 1.97 -24.25
C THR A 21 2.53 1.63 -23.19
N PRO A 22 1.55 2.50 -22.95
CA PRO A 22 0.47 2.13 -22.03
C PRO A 22 -0.41 1.06 -22.64
N GLU A 23 -0.90 0.14 -21.81
CA GLU A 23 -1.74 -0.88 -22.41
C GLU A 23 -2.74 -1.43 -21.42
N VAL A 24 -3.94 -1.63 -21.87
CA VAL A 24 -4.95 -2.33 -21.11
C VAL A 24 -4.72 -3.82 -21.29
N THR A 25 -4.90 -4.58 -20.21
CA THR A 25 -4.65 -6.03 -20.21
C THR A 25 -5.92 -6.78 -19.80
N CYS A 26 -6.44 -7.57 -20.72
CA CYS A 26 -7.60 -8.43 -20.48
C CYS A 26 -7.11 -9.84 -20.15
N VAL A 27 -7.34 -10.26 -18.90
CA VAL A 27 -6.92 -11.58 -18.42
C VAL A 27 -8.16 -12.46 -18.29
N VAL A 28 -8.05 -13.70 -18.76
CA VAL A 28 -9.11 -14.69 -18.58
C VAL A 28 -8.51 -15.89 -17.86
N VAL A 29 -9.11 -16.29 -16.75
CA VAL A 29 -8.70 -17.51 -16.07
C VAL A 29 -9.88 -18.48 -16.04
N ASP A 30 -9.57 -19.72 -15.65
CA ASP A 30 -10.52 -20.83 -15.52
C ASP A 30 -11.01 -21.32 -16.89
N VAL A 31 -10.12 -21.33 -17.89
CA VAL A 31 -10.49 -21.88 -19.19
C VAL A 31 -10.07 -23.34 -19.22
N SER A 32 -10.97 -24.19 -19.69
CA SER A 32 -10.80 -25.63 -19.64
C SER A 32 -9.68 -26.08 -20.55
N HIS A 33 -9.00 -27.14 -20.12
CA HIS A 33 -8.11 -27.88 -21.00
C HIS A 33 -8.89 -28.57 -22.11
N GLU A 34 -10.17 -28.82 -21.88
CA GLU A 34 -11.05 -29.34 -22.93
C GLU A 34 -11.23 -28.32 -24.04
N ASP A 35 -11.78 -27.14 -23.71
CA ASP A 35 -11.99 -26.03 -24.63
C ASP A 35 -11.00 -24.94 -24.27
N PRO A 36 -9.83 -24.91 -24.90
CA PRO A 36 -8.80 -23.91 -24.57
C PRO A 36 -8.75 -22.70 -25.50
N GLU A 37 -9.77 -22.44 -26.31
CA GLU A 37 -9.76 -21.34 -27.26
C GLU A 37 -10.66 -20.22 -26.75
N VAL A 38 -10.15 -19.00 -26.75
CA VAL A 38 -10.90 -17.81 -26.37
C VAL A 38 -10.82 -16.82 -27.51
N LYS A 39 -11.89 -16.08 -27.75
CA LYS A 39 -11.86 -14.97 -28.69
C LYS A 39 -12.07 -13.65 -27.94
N PHE A 40 -11.27 -12.63 -28.27
CA PHE A 40 -11.39 -11.33 -27.66
C PHE A 40 -11.93 -10.33 -28.67
N ASN A 41 -12.83 -9.45 -28.23
CA ASN A 41 -13.25 -8.30 -29.01
C ASN A 41 -13.06 -7.06 -28.14
N TRP A 42 -12.40 -6.05 -28.68
CA TRP A 42 -12.05 -4.84 -27.95
C TRP A 42 -12.81 -3.67 -28.54
N TYR A 43 -13.47 -2.89 -27.68
CA TYR A 43 -14.16 -1.68 -28.12
C TYR A 43 -13.64 -0.47 -27.35
N VAL A 44 -13.12 0.52 -28.08
CA VAL A 44 -12.81 1.83 -27.53
C VAL A 44 -13.99 2.74 -27.81
N ASP A 45 -14.69 3.18 -26.76
CA ASP A 45 -15.85 4.09 -26.90
C ASP A 45 -16.99 3.46 -27.72
N GLY A 46 -17.02 2.14 -27.83
CA GLY A 46 -17.93 1.47 -28.74
C GLY A 46 -17.22 0.99 -29.99
N VAL A 47 -16.40 1.86 -30.59
CA VAL A 47 -15.74 1.52 -31.84
C VAL A 47 -14.79 0.35 -31.62
N GLU A 48 -15.00 -0.74 -32.36
CA GLU A 48 -14.14 -1.92 -32.26
C GLU A 48 -12.74 -1.65 -32.81
N VAL A 49 -11.73 -2.28 -32.18
CA VAL A 49 -10.32 -2.16 -32.53
C VAL A 49 -9.75 -3.55 -32.79
N HIS A 50 -8.76 -3.63 -33.69
CA HIS A 50 -8.28 -4.91 -34.18
C HIS A 50 -6.79 -5.16 -34.00
N ASN A 51 -6.04 -4.23 -33.40
CA ASN A 51 -4.59 -4.36 -33.29
C ASN A 51 -4.14 -4.94 -31.95
N ALA A 52 -5.08 -5.41 -31.13
CA ALA A 52 -4.72 -6.05 -29.87
C ALA A 52 -3.88 -7.30 -30.12
N LYS A 53 -2.92 -7.54 -29.22
CA LYS A 53 -2.02 -8.68 -29.31
C LYS A 53 -2.41 -9.70 -28.25
N THR A 54 -2.55 -10.95 -28.67
CA THR A 54 -2.88 -12.02 -27.75
C THR A 54 -1.60 -12.79 -27.47
N LYS A 55 -1.46 -13.22 -26.23
CA LYS A 55 -0.30 -14.00 -25.87
C LYS A 55 -0.65 -15.47 -25.89
N PRO A 56 0.35 -16.36 -25.87
CA PRO A 56 0.05 -17.78 -25.83
C PRO A 56 -0.48 -18.22 -24.48
N ARG A 57 -1.32 -19.25 -24.51
CA ARG A 57 -1.82 -19.91 -23.32
C ARG A 57 -0.67 -20.33 -22.43
N GLU A 58 -0.90 -20.34 -21.11
CA GLU A 58 0.02 -21.00 -20.19
C GLU A 58 -0.82 -21.61 -19.08
N GLU A 59 -0.65 -22.90 -18.87
CA GLU A 59 -1.45 -23.62 -17.89
C GLU A 59 -0.93 -23.34 -16.50
N GLN A 60 -1.85 -23.15 -15.58
CA GLN A 60 -1.52 -22.90 -14.19
C GLN A 60 -1.36 -24.22 -13.44
N TYR A 61 -0.80 -24.14 -12.22
CA TYR A 61 -0.81 -25.31 -11.34
C TYR A 61 -2.24 -25.78 -11.12
N ASN A 62 -3.21 -24.86 -11.21
CA ASN A 62 -4.63 -25.17 -11.09
C ASN A 62 -5.10 -26.18 -12.13
N SER A 63 -4.26 -26.51 -13.10
CA SER A 63 -4.59 -27.39 -14.23
C SER A 63 -5.56 -26.72 -15.19
N THR A 64 -5.79 -25.42 -15.04
CA THR A 64 -6.55 -24.58 -15.97
C THR A 64 -5.63 -23.58 -16.65
N TYR A 65 -6.04 -23.18 -17.86
CA TYR A 65 -5.22 -22.22 -18.58
C TYR A 65 -5.54 -20.80 -18.15
N ARG A 66 -4.60 -19.90 -18.40
CA ARG A 66 -4.81 -18.47 -18.27
C ARG A 66 -4.39 -17.82 -19.58
N VAL A 67 -5.32 -17.12 -20.23
CA VAL A 67 -5.08 -16.48 -21.52
C VAL A 67 -5.32 -14.99 -21.39
N VAL A 68 -4.46 -14.22 -22.05
CA VAL A 68 -4.37 -12.78 -21.86
C VAL A 68 -4.31 -12.09 -23.21
N SER A 69 -4.95 -10.94 -23.32
CA SER A 69 -4.82 -10.12 -24.50
C SER A 69 -4.50 -8.70 -24.04
N VAL A 70 -3.47 -8.09 -24.63
CA VAL A 70 -3.12 -6.73 -24.23
C VAL A 70 -3.38 -5.79 -25.40
N LEU A 71 -4.00 -4.66 -25.07
CA LEU A 71 -4.36 -3.63 -26.03
C LEU A 71 -3.57 -2.37 -25.70
N THR A 72 -2.82 -1.90 -26.69
CA THR A 72 -2.16 -0.61 -26.58
C THR A 72 -3.18 0.52 -26.66
N VAL A 73 -3.06 1.50 -25.75
CA VAL A 73 -3.96 2.64 -25.72
C VAL A 73 -3.22 3.91 -26.13
N LEU A 74 -3.94 4.83 -26.75
CA LEU A 74 -3.35 6.13 -27.06
C LEU A 74 -3.33 6.97 -25.79
N HIS A 75 -2.16 7.53 -25.47
CA HIS A 75 -2.02 8.35 -24.27
C HIS A 75 -3.20 9.32 -24.14
N GLN A 76 -3.51 10.05 -25.20
CA GLN A 76 -4.53 11.08 -25.12
C GLN A 76 -5.91 10.48 -24.78
N ASP A 77 -6.28 9.40 -25.45
CA ASP A 77 -7.61 8.83 -25.25
C ASP A 77 -7.80 8.34 -23.83
N TRP A 78 -6.80 7.64 -23.30
CA TRP A 78 -6.80 7.33 -21.89
C TRP A 78 -7.00 8.59 -21.07
N LEU A 79 -6.17 9.62 -21.33
CA LEU A 79 -6.25 10.85 -20.56
C LEU A 79 -7.65 11.44 -20.60
N ASN A 80 -8.30 11.42 -21.77
CA ASN A 80 -9.62 12.00 -21.97
C ASN A 80 -10.74 11.06 -21.55
N GLY A 81 -10.43 9.99 -20.83
CA GLY A 81 -11.44 9.14 -20.22
C GLY A 81 -12.23 8.24 -21.14
N LYS A 82 -11.62 7.73 -22.23
CA LYS A 82 -12.29 6.79 -23.11
C LYS A 82 -12.42 5.40 -22.50
N GLU A 83 -13.55 4.74 -22.78
CA GLU A 83 -13.85 3.43 -22.21
C GLU A 83 -13.31 2.31 -23.09
N TYR A 84 -12.58 1.38 -22.47
CA TYR A 84 -11.96 0.24 -23.12
C TYR A 84 -12.70 -1.01 -22.69
N LYS A 85 -13.44 -1.62 -23.63
CA LYS A 85 -14.28 -2.77 -23.33
C LYS A 85 -13.64 -4.04 -23.86
N CYS A 86 -13.65 -5.09 -23.04
CA CYS A 86 -13.12 -6.39 -23.39
C CYS A 86 -14.24 -7.42 -23.36
N LYS A 87 -14.66 -7.90 -24.53
CA LYS A 87 -15.62 -8.98 -24.60
C LYS A 87 -14.87 -10.27 -24.87
N VAL A 88 -15.09 -11.30 -24.04
CA VAL A 88 -14.46 -12.60 -24.24
C VAL A 88 -15.54 -13.64 -24.52
N SER A 89 -15.16 -14.64 -25.31
CA SER A 89 -16.07 -15.70 -25.68
C SER A 89 -15.33 -17.02 -25.63
N ASN A 90 -15.95 -18.00 -24.99
CA ASN A 90 -15.39 -19.33 -24.86
C ASN A 90 -16.54 -20.31 -25.07
N LYS A 91 -16.25 -21.46 -25.68
CA LYS A 91 -17.34 -22.38 -25.96
C LYS A 91 -17.80 -23.11 -24.70
N ALA A 92 -16.94 -23.25 -23.69
CA ALA A 92 -17.35 -23.72 -22.36
C ALA A 92 -17.92 -22.62 -21.49
N LEU A 93 -18.60 -21.65 -22.11
CA LEU A 93 -18.98 -20.36 -21.54
C LEU A 93 -20.24 -19.90 -22.27
N PRO A 94 -21.39 -19.82 -21.57
CA PRO A 94 -22.68 -19.68 -22.26
C PRO A 94 -22.77 -18.43 -23.13
N ALA A 95 -22.68 -17.26 -22.51
CA ALA A 95 -22.69 -15.98 -23.20
C ALA A 95 -21.37 -15.27 -22.98
N PRO A 96 -20.90 -14.52 -23.98
CA PRO A 96 -19.72 -13.66 -23.78
C PRO A 96 -19.70 -12.87 -22.47
N ILE A 97 -18.51 -12.71 -21.91
CA ILE A 97 -18.25 -11.85 -20.75
C ILE A 97 -17.65 -10.53 -21.23
N GLU A 98 -18.22 -9.41 -20.75
CA GLU A 98 -17.71 -8.08 -21.04
C GLU A 98 -17.20 -7.40 -19.77
N LYS A 99 -16.18 -6.54 -19.95
CA LYS A 99 -15.65 -5.72 -18.87
C LYS A 99 -15.25 -4.38 -19.45
N THR A 100 -15.39 -3.32 -18.64
CA THR A 100 -15.04 -1.97 -19.06
C THR A 100 -14.23 -1.30 -17.97
N ILE A 101 -13.12 -0.67 -18.37
CA ILE A 101 -12.32 0.15 -17.48
C ILE A 101 -11.98 1.44 -18.19
N SER A 102 -11.42 2.36 -17.42
CA SER A 102 -11.17 3.71 -17.89
C SER A 102 -10.37 4.45 -16.83
N LYS A 103 -9.91 5.65 -17.20
CA LYS A 103 -9.31 6.55 -16.24
C LYS A 103 -10.25 6.75 -15.05
N ALA A 104 -9.65 6.98 -13.89
CA ALA A 104 -10.43 7.17 -12.69
C ALA A 104 -11.32 8.41 -12.82
N LYS A 105 -12.60 8.24 -12.58
CA LYS A 105 -13.53 9.36 -12.74
C LYS A 105 -13.35 10.35 -11.58
N GLY A 106 -13.77 11.59 -11.81
CA GLY A 106 -13.64 12.61 -10.78
C GLY A 106 -12.82 13.81 -11.20
N GLN A 107 -13.00 14.94 -10.51
CA GLN A 107 -12.32 16.16 -10.91
C GLN A 107 -10.81 16.05 -10.66
N PRO A 108 -9.97 16.06 -11.69
CA PRO A 108 -8.53 16.01 -11.44
C PRO A 108 -8.09 17.23 -10.66
N ARG A 109 -7.11 17.03 -9.77
CA ARG A 109 -6.61 18.13 -8.96
C ARG A 109 -5.09 18.11 -8.93
N GLU A 110 -4.51 19.29 -9.00
CA GLU A 110 -3.09 19.49 -9.22
C GLU A 110 -2.30 19.18 -7.94
N PRO A 111 -1.22 18.43 -8.02
CA PRO A 111 -0.41 18.17 -6.82
C PRO A 111 0.42 19.37 -6.38
N GLN A 112 0.58 19.51 -5.07
CA GLN A 112 1.58 20.41 -4.51
C GLN A 112 2.84 19.60 -4.27
N VAL A 113 3.98 20.16 -4.69
CA VAL A 113 5.27 19.49 -4.57
C VAL A 113 6.15 20.36 -3.69
N TYR A 114 6.65 19.76 -2.60
CA TYR A 114 7.55 20.42 -1.68
C TYR A 114 8.83 19.60 -1.53
N THR A 115 9.95 20.27 -1.38
CA THR A 115 11.18 19.58 -1.11
C THR A 115 11.67 19.92 0.28
N LEU A 116 11.99 18.88 1.06
CA LEU A 116 12.45 19.00 2.42
C LEU A 116 13.92 18.56 2.52
N PRO A 117 14.80 19.36 3.14
CA PRO A 117 16.21 18.96 3.29
C PRO A 117 16.36 17.96 4.41
N PRO A 118 17.52 17.30 4.52
CA PRO A 118 17.64 16.26 5.55
C PRO A 118 17.43 16.85 6.94
N SER A 119 16.94 16.02 7.85
CA SER A 119 16.89 16.45 9.23
C SER A 119 18.29 16.82 9.70
N ARG A 120 18.36 17.81 10.59
CA ARG A 120 19.63 18.14 11.22
C ARG A 120 20.27 16.90 11.84
N ASP A 121 19.45 16.03 12.42
CA ASP A 121 20.00 14.84 13.06
C ASP A 121 20.65 13.90 12.06
N GLU A 122 20.14 13.86 10.82
CA GLU A 122 20.73 13.00 9.83
C GLU A 122 22.03 13.57 9.25
N LEU A 123 22.27 14.87 9.45
CA LEU A 123 23.54 15.47 9.06
C LEU A 123 24.71 14.89 9.86
N THR A 124 24.50 13.72 10.48
CA THR A 124 25.51 12.97 11.22
C THR A 124 26.20 11.92 10.34
N LYS A 125 25.43 11.30 9.46
CA LYS A 125 25.81 10.10 8.74
C LYS A 125 26.37 10.43 7.35
N ASN A 126 27.13 9.48 6.79
CA ASN A 126 27.77 9.68 5.49
C ASN A 126 26.74 9.95 4.40
N GLN A 127 25.52 9.44 4.57
CA GLN A 127 24.44 9.61 3.60
C GLN A 127 23.26 10.31 4.27
N VAL A 128 22.62 11.21 3.53
CA VAL A 128 21.46 11.94 4.02
C VAL A 128 20.28 11.65 3.09
N SER A 129 19.09 12.04 3.56
CA SER A 129 17.84 11.74 2.86
C SER A 129 17.21 13.03 2.38
N LEU A 130 17.02 13.13 1.06
CA LEU A 130 16.28 14.24 0.46
C LEU A 130 14.85 13.79 0.20
N THR A 131 13.91 14.58 0.66
CA THR A 131 12.50 14.23 0.70
C THR A 131 11.72 15.04 -0.32
N CYS A 132 10.91 14.38 -1.12
CA CYS A 132 9.93 15.07 -1.96
C CYS A 132 8.53 14.69 -1.50
N LEU A 133 7.76 15.72 -1.11
CA LEU A 133 6.39 15.58 -0.64
C LEU A 133 5.49 16.05 -1.76
N VAL A 134 4.60 15.17 -2.21
CA VAL A 134 3.67 15.40 -3.29
C VAL A 134 2.29 15.16 -2.67
N LYS A 135 1.49 16.19 -2.55
CA LYS A 135 0.24 15.99 -1.86
C LYS A 135 -0.87 16.70 -2.62
N GLY A 136 -2.09 16.19 -2.45
CA GLY A 136 -3.27 16.84 -2.96
C GLY A 136 -3.52 16.65 -4.43
N PHE A 137 -3.13 15.50 -5.00
CA PHE A 137 -3.35 15.22 -6.41
C PHE A 137 -4.42 14.16 -6.60
N TYR A 138 -5.22 14.33 -7.65
CA TYR A 138 -6.18 13.35 -8.12
C TYR A 138 -6.15 13.32 -9.64
N PRO A 139 -6.18 12.12 -10.22
CA PRO A 139 -6.29 10.82 -9.56
C PRO A 139 -4.95 10.33 -9.01
N SER A 140 -4.90 9.10 -8.52
CA SER A 140 -3.67 8.61 -7.92
C SER A 140 -2.59 8.28 -8.95
N ASP A 141 -2.88 8.32 -10.23
CA ASP A 141 -1.86 8.02 -11.22
C ASP A 141 -0.81 9.14 -11.20
N ILE A 142 0.44 8.78 -10.93
CA ILE A 142 1.52 9.78 -10.85
C ILE A 142 2.85 9.07 -11.05
N ALA A 143 3.93 9.86 -11.25
CA ALA A 143 5.27 9.31 -11.43
C ALA A 143 6.30 10.34 -10.96
N VAL A 144 7.20 9.92 -10.08
CA VAL A 144 8.19 10.79 -9.45
C VAL A 144 9.58 10.29 -9.75
N GLU A 145 10.45 11.18 -10.20
CA GLU A 145 11.87 10.89 -10.37
C GLU A 145 12.69 11.99 -9.72
N TRP A 146 14.00 11.80 -9.77
CA TRP A 146 14.99 12.71 -9.23
C TRP A 146 16.09 12.94 -10.25
N GLU A 147 16.62 14.16 -10.26
CA GLU A 147 17.71 14.47 -11.17
C GLU A 147 18.59 15.55 -10.57
N SER A 148 19.80 15.65 -11.10
CA SER A 148 20.76 16.66 -10.74
C SER A 148 21.71 16.86 -11.91
N ASN A 149 21.97 18.12 -12.23
CA ASN A 149 22.91 18.52 -13.28
C ASN A 149 22.50 17.95 -14.62
N GLY A 150 21.19 17.75 -14.79
CA GLY A 150 20.60 17.21 -15.99
C GLY A 150 20.69 15.70 -16.12
N GLN A 151 21.22 15.01 -15.12
CA GLN A 151 21.38 13.56 -15.17
C GLN A 151 20.44 12.90 -14.16
N PRO A 152 19.94 11.71 -14.49
CA PRO A 152 19.09 10.99 -13.54
C PRO A 152 19.82 10.63 -12.25
N GLU A 153 19.03 10.52 -11.18
CA GLU A 153 19.50 10.13 -9.86
C GLU A 153 18.87 8.80 -9.50
N ASN A 154 19.71 7.82 -9.15
CA ASN A 154 19.30 6.42 -9.12
C ASN A 154 18.57 6.04 -7.84
N ASN A 155 19.23 6.17 -6.68
CA ASN A 155 18.70 5.51 -5.48
C ASN A 155 17.80 6.45 -4.68
N TYR A 156 16.59 6.58 -5.18
CA TYR A 156 15.45 7.08 -4.44
C TYR A 156 14.48 5.94 -4.23
N ASP A 157 13.60 6.12 -3.27
CA ASP A 157 12.52 5.18 -3.03
C ASP A 157 11.25 5.99 -2.84
N THR A 158 10.18 5.53 -3.45
CA THR A 158 8.94 6.25 -3.34
C THR A 158 7.88 5.37 -2.73
N THR A 159 7.04 5.99 -1.90
CA THR A 159 5.90 5.33 -1.31
C THR A 159 4.76 5.30 -2.32
N PRO A 160 3.85 4.35 -2.16
CA PRO A 160 2.59 4.39 -2.89
C PRO A 160 1.77 5.59 -2.46
N PRO A 161 0.84 6.06 -3.28
CA PRO A 161 -0.01 7.18 -2.85
C PRO A 161 -0.93 6.74 -1.72
N VAL A 162 -1.26 7.69 -0.85
CA VAL A 162 -2.10 7.47 0.32
C VAL A 162 -3.28 8.41 0.20
N LEU A 163 -4.49 7.89 0.44
CA LEU A 163 -5.69 8.69 0.21
C LEU A 163 -5.96 9.57 1.43
N LYS A 164 -5.85 10.89 1.26
CA LYS A 164 -6.13 11.76 2.38
C LYS A 164 -7.62 12.00 2.48
N SER A 165 -8.04 12.49 3.64
CA SER A 165 -9.46 12.55 3.98
C SER A 165 -10.25 13.46 3.06
N ASP A 166 -9.60 14.36 2.33
CA ASP A 166 -10.37 15.26 1.47
C ASP A 166 -10.68 14.65 0.12
N GLY A 167 -10.17 13.45 -0.17
CA GLY A 167 -10.38 12.79 -1.43
C GLY A 167 -9.20 12.84 -2.38
N SER A 168 -8.14 13.54 -2.01
CA SER A 168 -6.93 13.61 -2.81
C SER A 168 -5.92 12.59 -2.27
N PHE A 169 -4.80 12.48 -2.96
CA PHE A 169 -3.72 11.61 -2.52
C PHE A 169 -2.48 12.42 -2.19
N PHE A 170 -1.61 11.83 -1.37
CA PHE A 170 -0.25 12.30 -1.17
C PHE A 170 0.71 11.14 -1.25
N LEU A 171 1.97 11.43 -1.56
CA LEU A 171 3.03 10.46 -1.34
C LEU A 171 4.30 11.20 -0.91
N TYR A 172 5.33 10.41 -0.59
CA TYR A 172 6.65 10.94 -0.32
C TYR A 172 7.66 10.15 -1.13
N SER A 173 8.70 10.85 -1.62
CA SER A 173 9.88 10.20 -2.17
C SER A 173 11.12 10.55 -1.34
N ASP A 174 11.99 9.56 -1.15
CA ASP A 174 13.25 9.70 -0.41
C ASP A 174 14.41 9.37 -1.36
N LEU A 175 15.15 10.40 -1.76
CA LEU A 175 16.40 10.23 -2.48
C LEU A 175 17.55 10.33 -1.49
N THR A 176 18.33 9.25 -1.34
CA THR A 176 19.45 9.26 -0.43
C THR A 176 20.73 9.55 -1.20
N VAL A 177 21.50 10.53 -0.72
CA VAL A 177 22.71 10.97 -1.41
C VAL A 177 23.86 11.04 -0.42
N ASP A 178 25.09 11.00 -0.97
CA ASP A 178 26.27 11.21 -0.13
C ASP A 178 26.31 12.64 0.37
N LYS A 179 26.56 12.78 1.69
CA LYS A 179 26.51 14.11 2.31
C LYS A 179 27.60 15.02 1.75
N SER A 180 28.70 14.45 1.28
CA SER A 180 29.68 15.23 0.55
C SER A 180 29.00 16.05 -0.55
N ARG A 181 28.11 15.41 -1.32
CA ARG A 181 27.47 16.09 -2.44
C ARG A 181 26.46 17.13 -1.98
N TRP A 182 25.74 16.84 -0.89
CA TRP A 182 24.78 17.79 -0.36
C TRP A 182 25.47 19.02 0.26
N GLN A 183 26.55 18.80 1.03
CA GLN A 183 27.23 19.91 1.68
C GLN A 183 27.93 20.83 0.69
N GLN A 184 28.23 20.34 -0.51
CA GLN A 184 28.79 21.21 -1.54
C GLN A 184 27.77 22.15 -2.13
N GLY A 185 26.52 22.09 -1.69
CA GLY A 185 25.46 22.86 -2.31
C GLY A 185 25.07 22.42 -3.70
N ASN A 186 25.28 21.16 -4.07
CA ASN A 186 24.79 20.68 -5.35
C ASN A 186 23.27 20.69 -5.38
N VAL A 187 22.67 21.09 -6.51
CA VAL A 187 21.23 21.25 -6.61
C VAL A 187 20.59 19.96 -7.11
N PHE A 188 19.77 19.35 -6.25
CA PHE A 188 18.99 18.15 -6.56
C PHE A 188 17.58 18.57 -6.93
N SER A 189 16.91 17.74 -7.73
CA SER A 189 15.63 18.14 -8.30
C SER A 189 14.67 16.96 -8.32
N CYS A 190 13.46 17.21 -7.84
CA CYS A 190 12.39 16.23 -7.78
C CYS A 190 11.44 16.46 -8.96
N SER A 191 11.35 15.49 -9.88
CA SER A 191 10.45 15.54 -11.04
C SER A 191 9.13 14.85 -10.71
N VAL A 192 8.01 15.49 -11.06
CA VAL A 192 6.68 14.94 -10.82
C VAL A 192 5.90 14.97 -12.12
N MET A 193 5.27 13.85 -12.45
CA MET A 193 4.49 13.68 -13.67
C MET A 193 3.07 13.29 -13.28
N HIS A 194 2.10 14.11 -13.69
CA HIS A 194 0.72 14.01 -13.28
C HIS A 194 -0.17 14.74 -14.27
N GLU A 195 -1.34 14.17 -14.50
CA GLU A 195 -2.28 14.69 -15.50
C GLU A 195 -2.67 16.12 -15.20
N ALA A 196 -2.75 16.49 -13.93
CA ALA A 196 -3.33 17.77 -13.59
C ALA A 196 -2.33 18.90 -13.64
N LEU A 197 -1.05 18.64 -13.90
CA LEU A 197 -0.03 19.68 -13.92
C LEU A 197 0.05 20.31 -15.31
N HIS A 198 0.50 21.56 -15.37
CA HIS A 198 0.60 22.16 -16.69
C HIS A 198 1.68 21.45 -17.50
N ASN A 199 1.30 20.98 -18.70
CA ASN A 199 2.12 20.13 -19.57
C ASN A 199 2.48 18.81 -18.88
N HIS A 200 1.70 18.45 -17.85
CA HIS A 200 1.78 17.16 -17.17
C HIS A 200 3.10 16.98 -16.44
N TYR A 201 3.74 18.08 -16.06
CA TYR A 201 5.10 18.01 -15.56
C TYR A 201 5.39 19.23 -14.69
N THR A 202 6.16 19.00 -13.63
CA THR A 202 6.67 20.08 -12.80
C THR A 202 7.90 19.58 -12.07
N GLN A 203 8.83 20.48 -11.81
CA GLN A 203 10.05 20.19 -11.08
C GLN A 203 10.11 21.06 -9.85
N LYS A 204 10.81 20.56 -8.84
CA LYS A 204 11.03 21.34 -7.64
C LYS A 204 12.43 21.06 -7.16
N SER A 205 13.23 22.10 -7.00
CA SER A 205 14.63 21.90 -6.67
C SER A 205 14.85 22.01 -5.17
N LEU A 206 16.04 21.59 -4.76
CA LEU A 206 16.39 21.53 -3.35
C LEU A 206 17.90 21.60 -3.15
N SER A 207 18.38 22.58 -2.37
CA SER A 207 19.76 22.58 -1.92
C SER A 207 19.94 23.67 -0.88
N LEU A 208 21.12 23.68 -0.25
CA LEU A 208 21.75 24.91 0.30
C LEU A 208 23.07 24.58 0.99
N GLY B 1 -20.85 -20.89 -2.89
CA GLY B 1 -21.29 -21.81 -1.86
C GLY B 1 -20.14 -22.44 -1.11
N GLY B 2 -19.93 -22.01 0.13
CA GLY B 2 -18.88 -22.54 0.96
C GLY B 2 -18.22 -21.47 1.80
N PRO B 3 -17.90 -21.79 3.05
CA PRO B 3 -17.28 -20.81 3.94
C PRO B 3 -15.83 -20.51 3.55
N SER B 4 -15.31 -19.41 4.12
CA SER B 4 -13.93 -19.02 3.89
C SER B 4 -13.33 -18.44 5.17
N VAL B 5 -12.04 -18.67 5.36
CA VAL B 5 -11.34 -18.33 6.59
C VAL B 5 -10.17 -17.39 6.27
N PHE B 6 -10.10 -16.28 7.01
CA PHE B 6 -8.99 -15.32 6.96
C PHE B 6 -8.49 -15.09 8.38
N LEU B 7 -7.17 -15.11 8.53
CA LEU B 7 -6.51 -15.15 9.84
C LEU B 7 -5.44 -14.07 9.88
N PHE B 8 -5.53 -13.18 10.87
CA PHE B 8 -4.75 -11.95 10.89
C PHE B 8 -3.87 -11.84 12.14
N PRO B 9 -2.73 -11.18 12.04
CA PRO B 9 -1.78 -11.12 13.17
C PRO B 9 -2.19 -10.05 14.16
N PRO B 10 -1.46 -9.90 15.27
CA PRO B 10 -1.81 -8.86 16.24
C PRO B 10 -1.40 -7.49 15.74
N LYS B 11 -1.96 -6.47 16.39
CA LYS B 11 -1.58 -5.09 16.08
C LYS B 11 -0.15 -4.86 16.55
N PRO B 12 0.71 -4.25 15.73
CA PRO B 12 2.11 -4.14 16.12
C PRO B 12 2.32 -3.47 17.47
N LYS B 13 1.55 -2.41 17.78
CA LYS B 13 1.67 -1.77 19.09
C LYS B 13 1.28 -2.71 20.22
N ASP B 14 0.29 -3.58 20.00
CA ASP B 14 -0.17 -4.46 21.06
C ASP B 14 0.91 -5.47 21.47
N THR B 15 1.70 -5.95 20.52
CA THR B 15 2.78 -6.88 20.85
C THR B 15 3.96 -6.19 21.55
N LEU B 16 4.13 -4.88 21.38
CA LEU B 16 5.30 -4.17 21.88
C LEU B 16 5.09 -3.57 23.25
N MET B 17 3.90 -3.66 23.80
CA MET B 17 3.54 -2.91 25.00
C MET B 17 3.12 -3.87 26.10
N ILE B 18 3.74 -3.71 27.27
CA ILE B 18 3.49 -4.58 28.41
C ILE B 18 2.03 -4.51 28.83
N SER B 19 1.38 -3.38 28.59
CA SER B 19 0.06 -3.09 29.11
C SER B 19 -1.05 -3.36 28.09
N ARG B 20 -0.70 -3.99 26.98
CA ARG B 20 -1.67 -4.28 25.94
C ARG B 20 -1.74 -5.78 25.70
N THR B 21 -2.86 -6.23 25.16
CA THR B 21 -3.07 -7.64 24.91
C THR B 21 -3.13 -7.91 23.42
N PRO B 22 -2.05 -8.35 22.81
CA PRO B 22 -2.13 -8.79 21.42
C PRO B 22 -3.00 -10.02 21.26
N GLU B 23 -3.66 -10.09 20.11
CA GLU B 23 -4.56 -11.19 19.80
C GLU B 23 -4.39 -11.57 18.34
N VAL B 24 -4.62 -12.84 18.06
CA VAL B 24 -4.71 -13.33 16.68
C VAL B 24 -6.18 -13.63 16.43
N THR B 25 -6.70 -13.11 15.31
CA THR B 25 -8.13 -13.09 15.02
C THR B 25 -8.40 -13.92 13.77
N CYS B 26 -9.26 -14.94 13.90
CA CYS B 26 -9.60 -15.87 12.84
C CYS B 26 -11.04 -15.62 12.42
N VAL B 27 -11.21 -15.06 11.22
CA VAL B 27 -12.52 -14.64 10.74
C VAL B 27 -13.03 -15.68 9.76
N VAL B 28 -14.33 -15.95 9.82
CA VAL B 28 -14.98 -16.88 8.92
C VAL B 28 -16.19 -16.19 8.31
N VAL B 29 -16.20 -16.09 6.98
CA VAL B 29 -17.30 -15.51 6.23
C VAL B 29 -17.93 -16.58 5.34
N ASP B 30 -19.03 -16.21 4.66
CA ASP B 30 -19.77 -17.09 3.77
C ASP B 30 -20.24 -18.35 4.49
N VAL B 31 -20.71 -18.20 5.72
CA VAL B 31 -21.30 -19.30 6.46
C VAL B 31 -22.79 -19.34 6.13
N SER B 32 -23.38 -20.55 6.19
CA SER B 32 -24.75 -20.75 5.77
C SER B 32 -25.73 -20.29 6.84
N HIS B 33 -26.86 -19.72 6.41
CA HIS B 33 -27.92 -19.39 7.36
C HIS B 33 -28.59 -20.66 7.89
N GLU B 34 -28.54 -21.75 7.13
CA GLU B 34 -29.08 -23.02 7.61
C GLU B 34 -28.13 -23.75 8.55
N ASP B 35 -26.81 -23.57 8.37
CA ASP B 35 -25.78 -24.23 9.17
C ASP B 35 -24.92 -23.16 9.82
N PRO B 36 -25.34 -22.61 10.96
CA PRO B 36 -24.63 -21.46 11.56
C PRO B 36 -23.58 -21.82 12.59
N GLU B 37 -23.33 -23.11 12.82
CA GLU B 37 -22.43 -23.57 13.86
C GLU B 37 -21.04 -23.78 13.29
N VAL B 38 -20.04 -23.15 13.94
CA VAL B 38 -18.65 -23.28 13.57
C VAL B 38 -17.87 -23.54 14.85
N LYS B 39 -16.92 -24.48 14.79
CA LYS B 39 -16.05 -24.77 15.92
C LYS B 39 -14.61 -24.48 15.56
N PHE B 40 -13.86 -23.90 16.50
CA PHE B 40 -12.47 -23.53 16.27
C PHE B 40 -11.54 -24.41 17.10
N ASN B 41 -10.35 -24.64 16.56
CA ASN B 41 -9.27 -25.34 17.26
C ASN B 41 -8.01 -24.52 17.07
N TRP B 42 -7.43 -24.04 18.17
CA TRP B 42 -6.28 -23.14 18.11
C TRP B 42 -5.01 -23.89 18.49
N TYR B 43 -4.06 -23.94 17.56
CA TYR B 43 -2.79 -24.67 17.71
C TYR B 43 -1.67 -23.64 17.82
N VAL B 44 -1.14 -23.44 19.03
CA VAL B 44 0.11 -22.70 19.20
C VAL B 44 1.26 -23.68 19.05
N ASP B 45 2.19 -23.37 18.14
CA ASP B 45 3.38 -24.17 17.85
C ASP B 45 3.13 -25.68 17.75
N GLY B 46 1.86 -26.08 17.69
CA GLY B 46 1.51 -27.49 17.73
C GLY B 46 0.56 -27.83 18.88
N VAL B 47 0.93 -27.44 20.12
CA VAL B 47 0.17 -27.80 21.31
C VAL B 47 -1.11 -26.98 21.38
N GLU B 48 -2.16 -27.58 21.97
CA GLU B 48 -3.47 -26.95 22.05
C GLU B 48 -3.60 -26.13 23.33
N VAL B 49 -3.99 -24.87 23.16
CA VAL B 49 -4.50 -24.04 24.24
C VAL B 49 -5.98 -23.84 23.97
N HIS B 50 -6.80 -23.84 25.02
CA HIS B 50 -8.25 -23.81 24.85
C HIS B 50 -8.88 -22.56 25.42
N ASN B 51 -8.12 -21.48 25.50
CA ASN B 51 -8.65 -20.29 26.16
C ASN B 51 -9.25 -19.30 25.17
N ALA B 52 -9.32 -19.63 23.89
CA ALA B 52 -9.73 -18.66 22.88
C ALA B 52 -11.20 -18.27 23.04
N LYS B 53 -11.50 -17.04 22.65
CA LYS B 53 -12.84 -16.46 22.73
C LYS B 53 -13.50 -16.53 21.37
N THR B 54 -14.74 -17.02 21.35
CA THR B 54 -15.53 -17.06 20.13
C THR B 54 -16.61 -16.00 20.23
N LYS B 55 -16.65 -15.09 19.24
CA LYS B 55 -17.68 -14.06 19.18
C LYS B 55 -18.95 -14.65 18.60
N PRO B 56 -20.11 -14.11 18.97
CA PRO B 56 -21.35 -14.58 18.36
C PRO B 56 -21.39 -14.23 16.88
N ARG B 57 -22.17 -15.02 16.14
CA ARG B 57 -22.39 -14.75 14.73
C ARG B 57 -23.06 -13.39 14.53
N GLU B 58 -22.59 -12.62 13.55
CA GLU B 58 -23.26 -11.41 13.12
C GLU B 58 -23.58 -11.53 11.63
N GLU B 59 -24.81 -11.22 11.25
CA GLU B 59 -25.26 -11.38 9.87
C GLU B 59 -24.87 -10.17 9.04
N GLN B 60 -24.20 -10.42 7.92
CA GLN B 60 -23.84 -9.36 6.99
C GLN B 60 -25.05 -8.96 6.15
N TYR B 61 -24.86 -7.98 5.26
CA TYR B 61 -25.98 -7.56 4.42
C TYR B 61 -26.19 -8.49 3.24
N ASN B 62 -25.17 -9.26 2.83
CA ASN B 62 -25.33 -10.28 1.79
C ASN B 62 -25.89 -11.60 2.34
N SER B 63 -26.60 -11.54 3.47
CA SER B 63 -27.40 -12.63 4.03
C SER B 63 -26.56 -13.80 4.53
N THR B 64 -25.26 -13.59 4.76
CA THR B 64 -24.38 -14.63 5.30
C THR B 64 -23.72 -14.12 6.57
N TYR B 65 -23.67 -14.96 7.60
CA TYR B 65 -23.22 -14.55 8.93
C TYR B 65 -21.73 -14.24 8.95
N ARG B 66 -21.25 -13.89 10.14
CA ARG B 66 -19.86 -13.51 10.35
C ARG B 66 -19.40 -14.06 11.70
N VAL B 67 -18.48 -15.02 11.65
CA VAL B 67 -17.98 -15.71 12.83
C VAL B 67 -16.54 -15.28 13.08
N VAL B 68 -16.24 -14.90 14.32
CA VAL B 68 -14.91 -14.45 14.72
C VAL B 68 -14.49 -15.24 15.95
N SER B 69 -13.26 -15.74 15.94
CA SER B 69 -12.65 -16.31 17.14
C SER B 69 -11.31 -15.65 17.36
N VAL B 70 -11.07 -15.14 18.57
CA VAL B 70 -9.83 -14.44 18.90
C VAL B 70 -9.13 -15.16 20.04
N LEU B 71 -7.81 -15.23 19.96
CA LEU B 71 -6.99 -15.89 20.96
C LEU B 71 -5.89 -14.94 21.38
N THR B 72 -5.80 -14.65 22.67
CA THR B 72 -4.77 -13.74 23.11
C THR B 72 -3.42 -14.43 23.04
N VAL B 73 -2.40 -13.68 22.64
CA VAL B 73 -1.07 -14.23 22.53
C VAL B 73 -0.17 -13.54 23.55
N LEU B 74 0.77 -14.31 24.08
CA LEU B 74 1.80 -13.77 24.94
C LEU B 74 2.87 -13.09 24.10
N HIS B 75 3.36 -11.95 24.60
CA HIS B 75 4.12 -11.02 23.77
C HIS B 75 5.35 -11.65 23.16
N GLN B 76 6.20 -12.28 23.97
CA GLN B 76 7.41 -12.84 23.39
C GLN B 76 7.13 -14.13 22.63
N ASP B 77 5.98 -14.76 22.86
CA ASP B 77 5.65 -15.94 22.07
C ASP B 77 5.40 -15.60 20.61
N TRP B 78 4.94 -14.38 20.34
CA TRP B 78 4.83 -13.92 18.96
C TRP B 78 6.18 -13.43 18.44
N LEU B 79 6.91 -12.68 19.27
CA LEU B 79 8.15 -12.05 18.84
C LEU B 79 9.27 -13.05 18.62
N ASN B 80 9.20 -14.23 19.22
CA ASN B 80 10.18 -15.26 18.94
C ASN B 80 9.79 -16.12 17.73
N GLY B 81 8.61 -15.92 17.15
CA GLY B 81 8.27 -16.54 15.90
C GLY B 81 7.54 -17.87 15.98
N LYS B 82 6.80 -18.13 17.06
CA LYS B 82 6.02 -19.35 17.16
C LYS B 82 4.74 -19.23 16.32
N GLU B 83 4.38 -20.31 15.64
CA GLU B 83 3.28 -20.28 14.67
C GLU B 83 1.92 -20.49 15.34
N TYR B 84 0.93 -19.76 14.87
CA TYR B 84 -0.42 -19.80 15.42
C TYR B 84 -1.36 -20.31 14.34
N LYS B 85 -2.18 -21.31 14.69
CA LYS B 85 -3.02 -22.04 13.74
C LYS B 85 -4.48 -21.93 14.12
N CYS B 86 -5.34 -21.80 13.10
CA CYS B 86 -6.79 -21.74 13.27
C CYS B 86 -7.42 -22.75 12.32
N LYS B 87 -7.85 -23.90 12.85
CA LYS B 87 -8.60 -24.89 12.07
C LYS B 87 -10.09 -24.64 12.26
N VAL B 88 -10.85 -24.63 11.17
CA VAL B 88 -12.28 -24.27 11.20
C VAL B 88 -13.10 -25.41 10.63
N SER B 89 -14.22 -25.73 11.30
CA SER B 89 -15.07 -26.88 10.99
C SER B 89 -16.50 -26.40 10.85
N ASN B 90 -17.19 -26.94 9.85
CA ASN B 90 -18.57 -26.56 9.59
C ASN B 90 -19.26 -27.69 8.84
N LYS B 91 -20.57 -27.81 9.05
CA LYS B 91 -21.30 -28.91 8.44
C LYS B 91 -21.54 -28.69 6.94
N ALA B 92 -21.72 -27.44 6.52
CA ALA B 92 -21.70 -27.06 5.10
C ALA B 92 -20.29 -26.83 4.59
N LEU B 93 -19.37 -27.72 4.96
CA LEU B 93 -17.93 -27.59 4.73
C LEU B 93 -17.30 -28.98 4.86
N PRO B 94 -16.87 -29.59 3.74
CA PRO B 94 -16.51 -31.01 3.77
C PRO B 94 -15.28 -31.33 4.61
N ALA B 95 -14.15 -30.72 4.28
CA ALA B 95 -12.93 -30.94 5.05
C ALA B 95 -12.50 -29.66 5.73
N PRO B 96 -12.01 -29.75 6.97
CA PRO B 96 -11.62 -28.55 7.72
C PRO B 96 -10.65 -27.66 6.93
N ILE B 97 -10.65 -26.36 7.28
CA ILE B 97 -9.78 -25.35 6.68
C ILE B 97 -8.79 -24.88 7.73
N GLU B 98 -7.49 -24.98 7.41
CA GLU B 98 -6.43 -24.57 8.32
C GLU B 98 -5.77 -23.28 7.82
N LYS B 99 -5.23 -22.51 8.76
CA LYS B 99 -4.53 -21.26 8.46
C LYS B 99 -3.43 -21.08 9.50
N THR B 100 -2.31 -20.49 9.08
CA THR B 100 -1.17 -20.32 9.96
C THR B 100 -0.51 -18.99 9.64
N ILE B 101 -0.09 -18.27 10.69
CA ILE B 101 0.72 -17.06 10.54
C ILE B 101 1.80 -17.08 11.61
N SER B 102 2.82 -16.26 11.38
CA SER B 102 3.95 -16.13 12.31
C SER B 102 4.70 -14.85 11.99
N LYS B 103 5.53 -14.42 12.93
CA LYS B 103 6.41 -13.27 12.73
C LYS B 103 7.35 -13.53 11.56
N ALA B 104 7.57 -12.51 10.74
CA ALA B 104 8.46 -12.65 9.60
C ALA B 104 9.90 -12.81 10.08
N LYS B 105 10.49 -13.97 9.85
CA LYS B 105 11.84 -14.21 10.31
C LYS B 105 12.83 -13.34 9.50
N GLY B 106 14.03 -13.22 10.03
CA GLY B 106 15.04 -12.32 9.49
C GLY B 106 15.53 -11.58 10.70
N GLN B 107 16.77 -11.11 10.63
CA GLN B 107 17.38 -10.41 11.77
C GLN B 107 16.76 -9.01 11.93
N PRO B 108 16.16 -8.70 13.06
CA PRO B 108 15.55 -7.39 13.23
C PRO B 108 16.60 -6.29 13.19
N ARG B 109 16.15 -5.11 12.76
CA ARG B 109 17.04 -3.98 12.56
C ARG B 109 16.39 -2.69 13.07
N GLU B 110 17.22 -1.87 13.70
CA GLU B 110 16.78 -0.67 14.41
C GLU B 110 16.31 0.42 13.46
N PRO B 111 15.06 0.89 13.57
CA PRO B 111 14.61 2.00 12.72
C PRO B 111 15.32 3.30 13.06
N GLN B 112 15.74 4.04 12.01
CA GLN B 112 16.15 5.42 12.15
C GLN B 112 14.93 6.33 12.05
N VAL B 113 14.84 7.32 12.95
CA VAL B 113 13.69 8.23 13.03
C VAL B 113 14.21 9.65 12.89
N TYR B 114 13.96 10.29 11.75
CA TYR B 114 14.32 11.69 11.52
C TYR B 114 13.06 12.51 11.27
N THR B 115 13.04 13.72 11.81
CA THR B 115 11.89 14.59 11.68
C THR B 115 12.28 15.84 10.93
N LEU B 116 11.44 16.21 9.99
CA LEU B 116 11.70 17.26 9.06
C LEU B 116 10.66 18.34 9.25
N PRO B 117 11.09 19.56 9.54
CA PRO B 117 10.14 20.68 9.63
C PRO B 117 9.40 20.89 8.33
N PRO B 118 8.31 21.64 8.35
CA PRO B 118 7.68 22.14 7.11
C PRO B 118 8.63 22.65 6.03
N SER B 119 8.26 22.45 4.76
CA SER B 119 8.96 23.13 3.68
C SER B 119 8.81 24.63 3.84
N ARG B 120 9.81 25.36 3.32
CA ARG B 120 9.69 26.80 3.33
C ARG B 120 8.49 27.25 2.49
N ASP B 121 8.26 26.61 1.35
CA ASP B 121 7.15 27.01 0.49
C ASP B 121 5.80 26.72 1.12
N GLU B 122 5.74 25.88 2.16
CA GLU B 122 4.46 25.63 2.78
C GLU B 122 4.20 26.55 3.96
N LEU B 123 5.15 27.41 4.34
CA LEU B 123 4.97 28.30 5.47
C LEU B 123 4.14 29.51 5.06
N THR B 124 3.32 29.38 4.02
CA THR B 124 2.39 30.42 3.60
C THR B 124 0.92 30.00 3.76
N LYS B 125 0.65 28.70 3.78
CA LYS B 125 -0.70 28.17 3.96
C LYS B 125 -1.10 28.19 5.43
N ASN B 126 -2.40 28.02 5.69
CA ASN B 126 -2.85 28.04 7.08
C ASN B 126 -2.62 26.70 7.78
N GLN B 127 -2.45 25.63 7.00
CA GLN B 127 -2.17 24.28 7.49
C GLN B 127 -0.77 23.88 7.05
N VAL B 128 -0.03 23.24 7.95
CA VAL B 128 1.33 22.88 7.63
C VAL B 128 1.50 21.38 7.82
N SER B 129 2.47 20.80 7.13
CA SER B 129 2.75 19.38 7.21
C SER B 129 4.01 19.16 8.03
N LEU B 130 3.89 18.42 9.13
CA LEU B 130 5.06 17.97 9.89
C LEU B 130 5.36 16.54 9.48
N THR B 131 6.63 16.27 9.18
CA THR B 131 7.01 15.02 8.53
C THR B 131 7.95 14.20 9.42
N CYS B 132 7.56 12.94 9.66
CA CYS B 132 8.42 11.97 10.33
C CYS B 132 8.87 10.95 9.29
N LEU B 133 10.18 10.93 9.03
CA LEU B 133 10.78 9.91 8.17
C LEU B 133 11.33 8.80 9.05
N VAL B 134 10.80 7.59 8.87
CA VAL B 134 11.20 6.41 9.63
C VAL B 134 11.81 5.43 8.64
N LYS B 135 13.11 5.19 8.72
CA LYS B 135 13.79 4.42 7.69
C LYS B 135 14.70 3.37 8.31
N GLY B 136 14.86 2.26 7.59
CA GLY B 136 15.82 1.24 7.96
C GLY B 136 15.42 0.33 9.11
N PHE B 137 14.22 -0.27 9.05
CA PHE B 137 13.78 -1.17 10.09
C PHE B 137 13.28 -2.50 9.51
N TYR B 138 13.45 -3.58 10.28
CA TYR B 138 12.94 -4.91 9.92
C TYR B 138 12.45 -5.66 11.17
N PRO B 139 11.28 -6.32 11.07
CA PRO B 139 10.44 -6.32 9.87
C PRO B 139 9.49 -5.12 9.84
N SER B 140 8.50 -5.19 8.97
CA SER B 140 7.59 -4.08 8.74
C SER B 140 6.71 -3.77 9.93
N ASP B 141 6.57 -4.69 10.89
CA ASP B 141 5.74 -4.43 12.06
C ASP B 141 6.27 -3.22 12.81
N ILE B 142 5.44 -2.19 12.94
CA ILE B 142 5.85 -0.92 13.52
C ILE B 142 4.59 -0.13 13.86
N ALA B 143 4.68 0.73 14.87
CA ALA B 143 3.61 1.66 15.21
C ALA B 143 4.18 3.07 15.32
N VAL B 144 3.48 4.04 14.71
CA VAL B 144 3.91 5.44 14.68
C VAL B 144 2.75 6.34 15.07
N GLU B 145 2.95 7.16 16.11
CA GLU B 145 1.96 8.13 16.58
C GLU B 145 2.63 9.48 16.76
N TRP B 146 1.82 10.48 17.04
CA TRP B 146 2.31 11.84 17.22
C TRP B 146 1.76 12.41 18.51
N GLU B 147 2.59 13.24 19.13
CA GLU B 147 2.23 13.96 20.34
C GLU B 147 2.62 15.42 20.18
N SER B 148 2.12 16.22 21.13
CA SER B 148 2.50 17.62 21.30
C SER B 148 2.23 18.01 22.74
N ASN B 149 3.26 18.49 23.44
CA ASN B 149 3.18 18.85 24.85
C ASN B 149 2.86 17.63 25.70
N GLY B 150 3.21 16.45 25.17
CA GLY B 150 2.87 15.18 25.79
C GLY B 150 1.46 14.72 25.52
N GLN B 151 0.72 15.38 24.63
CA GLN B 151 -0.63 14.97 24.35
C GLN B 151 -0.74 14.48 22.92
N PRO B 152 -1.44 13.36 22.70
CA PRO B 152 -1.46 12.77 21.36
C PRO B 152 -2.22 13.65 20.38
N GLU B 153 -1.65 13.78 19.19
CA GLU B 153 -2.30 14.41 18.04
C GLU B 153 -2.77 13.31 17.11
N ASN B 154 -3.97 13.48 16.51
CA ASN B 154 -4.55 12.46 15.66
C ASN B 154 -4.54 12.80 14.17
N ASN B 155 -4.61 14.08 13.78
CA ASN B 155 -4.76 14.43 12.36
C ASN B 155 -3.50 14.14 11.53
N TYR B 156 -3.08 12.90 11.48
CA TYR B 156 -1.94 12.50 10.68
C TYR B 156 -2.34 11.34 9.79
N ASP B 157 -1.51 11.09 8.78
CA ASP B 157 -1.65 9.93 7.91
C ASP B 157 -0.26 9.32 7.75
N THR B 158 -0.16 8.01 7.94
CA THR B 158 1.09 7.28 7.76
C THR B 158 1.02 6.39 6.53
N THR B 159 2.06 6.43 5.70
CA THR B 159 2.21 5.47 4.62
C THR B 159 2.50 4.09 5.20
N PRO B 160 2.24 3.03 4.44
CA PRO B 160 2.67 1.68 4.83
C PRO B 160 4.16 1.49 4.55
N PRO B 161 4.83 0.57 5.24
CA PRO B 161 6.25 0.32 4.95
C PRO B 161 6.50 0.05 3.47
N VAL B 162 7.63 0.58 2.99
CA VAL B 162 8.12 0.31 1.65
C VAL B 162 9.47 -0.38 1.77
N LEU B 163 9.72 -1.35 0.90
CA LEU B 163 10.93 -2.16 0.97
C LEU B 163 12.05 -1.45 0.23
N LYS B 164 13.17 -1.25 0.92
CA LYS B 164 14.34 -0.77 0.22
C LYS B 164 15.08 -1.94 -0.41
N SER B 165 16.00 -1.62 -1.31
CA SER B 165 16.76 -2.65 -2.02
C SER B 165 17.70 -3.42 -1.11
N ASP B 166 18.12 -2.83 0.01
CA ASP B 166 19.00 -3.54 0.93
C ASP B 166 18.27 -4.57 1.78
N GLY B 167 16.93 -4.57 1.75
CA GLY B 167 16.15 -5.52 2.51
C GLY B 167 15.37 -4.96 3.68
N SER B 168 15.37 -3.65 3.87
CA SER B 168 14.74 -3.03 5.02
C SER B 168 13.48 -2.28 4.57
N PHE B 169 12.85 -1.61 5.54
CA PHE B 169 11.60 -0.88 5.29
C PHE B 169 11.71 0.55 5.78
N PHE B 170 10.95 1.44 5.14
CA PHE B 170 10.85 2.82 5.58
C PHE B 170 9.42 3.29 5.38
N LEU B 171 9.02 4.31 6.13
CA LEU B 171 7.74 4.96 5.87
C LEU B 171 7.86 6.46 6.16
N TYR B 172 6.77 7.19 5.87
CA TYR B 172 6.66 8.59 6.25
C TYR B 172 5.33 8.82 6.99
N SER B 173 5.33 9.71 7.97
CA SER B 173 4.06 10.11 8.57
C SER B 173 3.88 11.63 8.41
N ASP B 174 2.66 12.04 8.11
CA ASP B 174 2.36 13.44 7.77
C ASP B 174 1.37 13.94 8.82
N LEU B 175 1.87 14.59 9.85
CA LEU B 175 1.02 15.21 10.85
C LEU B 175 0.68 16.62 10.38
N THR B 176 -0.59 16.91 10.22
CA THR B 176 -1.02 18.25 9.81
C THR B 176 -1.58 19.01 10.99
N VAL B 177 -1.10 20.23 11.14
CA VAL B 177 -1.50 21.12 12.20
C VAL B 177 -1.59 22.53 11.64
N ASP B 178 -2.41 23.35 12.28
CA ASP B 178 -2.48 24.75 11.94
C ASP B 178 -1.14 25.42 12.18
N LYS B 179 -0.72 26.24 11.22
CA LYS B 179 0.61 26.84 11.29
C LYS B 179 0.72 27.75 12.50
N SER B 180 -0.39 28.34 12.94
CA SER B 180 -0.38 29.13 14.16
C SER B 180 0.23 28.34 15.32
N ARG B 181 0.00 27.02 15.34
CA ARG B 181 0.57 26.16 16.37
C ARG B 181 2.02 25.78 16.09
N TRP B 182 2.46 25.84 14.83
CA TRP B 182 3.86 25.59 14.54
C TRP B 182 4.72 26.81 14.84
N GLN B 183 4.27 28.00 14.39
CA GLN B 183 4.98 29.26 14.56
C GLN B 183 5.01 29.73 16.00
N GLN B 184 4.21 29.13 16.87
CA GLN B 184 4.26 29.48 18.28
C GLN B 184 5.34 28.73 19.03
N GLY B 185 5.98 27.76 18.39
CA GLY B 185 7.08 27.05 19.03
C GLY B 185 6.64 25.85 19.83
N ASN B 186 5.40 25.41 19.67
CA ASN B 186 4.96 24.16 20.28
C ASN B 186 5.91 23.03 19.89
N VAL B 187 6.23 22.17 20.84
CA VAL B 187 7.17 21.08 20.57
C VAL B 187 6.38 19.83 20.18
N PHE B 188 6.44 19.48 18.90
CA PHE B 188 5.77 18.31 18.35
C PHE B 188 6.69 17.10 18.43
N SER B 189 6.09 15.92 18.45
CA SER B 189 6.89 14.74 18.74
C SER B 189 6.31 13.55 17.98
N CYS B 190 7.15 12.78 17.26
CA CYS B 190 6.69 11.58 16.58
C CYS B 190 7.32 10.39 17.27
N SER B 191 6.45 9.48 17.69
CA SER B 191 6.83 8.32 18.48
C SER B 191 6.85 7.08 17.60
N VAL B 192 7.87 6.26 17.77
CA VAL B 192 8.04 5.06 16.95
C VAL B 192 8.25 3.86 17.86
N MET B 193 7.42 2.85 17.68
CA MET B 193 7.51 1.62 18.45
C MET B 193 7.89 0.49 17.52
N HIS B 194 8.91 -0.24 17.90
CA HIS B 194 9.44 -1.31 17.06
C HIS B 194 10.18 -2.27 17.97
N GLU B 195 10.23 -3.54 17.57
CA GLU B 195 10.84 -4.53 18.44
C GLU B 195 12.35 -4.34 18.52
N ALA B 196 12.95 -3.77 17.49
CA ALA B 196 14.40 -3.59 17.46
C ALA B 196 14.87 -2.35 18.20
N LEU B 197 13.97 -1.50 18.68
CA LEU B 197 14.38 -0.34 19.45
C LEU B 197 14.56 -0.74 20.91
N HIS B 198 15.44 -0.03 21.62
CA HIS B 198 15.53 -0.22 23.05
C HIS B 198 14.26 0.31 23.72
N ASN B 199 13.63 -0.52 24.55
CA ASN B 199 12.36 -0.23 25.22
C ASN B 199 11.18 -0.34 24.25
N HIS B 200 11.42 -0.87 23.05
CA HIS B 200 10.44 -0.90 21.96
C HIS B 200 9.95 0.50 21.60
N TYR B 201 10.70 1.53 21.97
CA TYR B 201 10.15 2.87 21.97
C TYR B 201 11.23 3.92 21.72
N THR B 202 10.83 5.02 21.08
CA THR B 202 11.69 6.18 20.84
C THR B 202 10.84 7.36 20.32
N GLN B 203 11.32 8.58 20.59
CA GLN B 203 10.63 9.81 20.18
C GLN B 203 11.61 10.82 19.59
N LYS B 204 11.12 11.61 18.64
CA LYS B 204 11.88 12.74 18.08
C LYS B 204 11.06 14.01 18.15
N SER B 205 11.62 15.02 18.81
CA SER B 205 10.99 16.31 19.01
C SER B 205 11.46 17.27 17.93
N LEU B 206 10.56 18.09 17.41
CA LEU B 206 10.89 19.02 16.34
C LEU B 206 10.13 20.32 16.55
N SER B 207 10.84 21.45 16.48
CA SER B 207 10.20 22.78 16.43
C SER B 207 11.28 23.82 16.18
N LEU B 208 10.82 25.03 15.87
CA LEU B 208 11.64 26.27 15.95
C LEU B 208 10.79 27.46 15.52
#